data_6D2E
#
_entry.id   6D2E
#
_cell.length_a   98.410
_cell.length_b   98.410
_cell.length_c   127.820
_cell.angle_alpha   90.000
_cell.angle_beta   90.000
_cell.angle_gamma   90.000
#
_symmetry.space_group_name_H-M   'P 41 21 2'
#
loop_
_entity.id
_entity.type
_entity.pdbx_description
1 polymer 'UDP-galactopyranose mutase'
2 non-polymer 'FLAVIN-ADENINE DINUCLEOTIDE'
3 non-polymer "GALACTOSE-URIDINE-5'-DIPHOSPHATE"
4 non-polymer 'SODIUM ION'
5 non-polymer 'ISOPROPYL ALCOHOL'
6 water water
#
_entity_poly.entity_id   1
_entity_poly.type   'polypeptide(L)'
_entity_poly.pdbx_seq_one_letter_code
;MSDFDLIVVGSGLFGLTVAERAASQLGKKVLIVEKRSHLGGNAYSEAEPETGIEIHKYGAHLFHTSNKRVWDYVNQFTAF
TGYQHRVFAMHNGTAYQFPMGLGLINQFFGRYYTPDEARELIKEQSAEIDSKDATNLEEKAISLIGRPLYEAFIRDYTAK
QWQTDPKELPAGNITRLPVRYNFDNRYFNDTYEGLPVDGYAQWLSNMADHENIEVRLDTDWFEVREDLRAQNPEAPVVYT
GPLDRYFDYSEGHLGWRTLDFETEVLNTGDFQGTPVMNYNDAEFPYTRIHEFRHFHPEREDRHPKDKTVIMKEYSRFAEE
GDEPYYPINTPSDREMLFKYRELADAETESGKVYFGGRLGTYQYLDMHMAIASALSMFDNKLVDALKHHHHHH
;
_entity_poly.pdbx_strand_id   A
#
# COMPACT_ATOMS: atom_id res chain seq x y z
N SER A 2 3.98 -9.37 35.47
CA SER A 2 2.92 -9.99 34.67
C SER A 2 3.50 -10.67 33.43
N ASP A 3 2.71 -11.52 32.78
CA ASP A 3 3.17 -12.22 31.58
C ASP A 3 3.25 -11.27 30.36
N PHE A 4 2.46 -10.20 30.38
CA PHE A 4 2.57 -9.14 29.36
C PHE A 4 2.16 -7.78 29.94
N ASP A 5 2.74 -6.71 29.40
CA ASP A 5 2.41 -5.36 29.84
C ASP A 5 1.60 -4.59 28.80
N LEU A 6 1.59 -5.11 27.58
CA LEU A 6 0.94 -4.48 26.46
C LEU A 6 0.43 -5.56 25.53
N ILE A 7 -0.79 -5.38 25.03
CA ILE A 7 -1.31 -6.27 24.00
C ILE A 7 -1.39 -5.49 22.67
N VAL A 8 -0.90 -6.07 21.59
CA VAL A 8 -1.02 -5.45 20.25
C VAL A 8 -1.84 -6.39 19.38
N VAL A 9 -2.91 -5.87 18.78
CA VAL A 9 -3.74 -6.69 17.89
C VAL A 9 -3.38 -6.40 16.44
N GLY A 10 -2.86 -7.40 15.76
CA GLY A 10 -2.45 -7.27 14.36
C GLY A 10 -0.94 -7.08 14.25
N SER A 11 -0.31 -7.80 13.32
CA SER A 11 1.13 -7.73 13.17
C SER A 11 1.56 -7.12 11.83
N GLY A 12 0.79 -6.15 11.33
CA GLY A 12 1.26 -5.35 10.20
C GLY A 12 2.35 -4.39 10.65
N LEU A 13 2.80 -3.51 9.76
CA LEU A 13 3.91 -2.63 10.10
C LEU A 13 3.56 -1.72 11.27
N PHE A 14 2.28 -1.38 11.42
CA PHE A 14 1.90 -0.51 12.53
C PHE A 14 2.04 -1.27 13.85
N GLY A 15 1.43 -2.44 13.94
CA GLY A 15 1.54 -3.27 15.14
C GLY A 15 2.96 -3.67 15.50
N LEU A 16 3.74 -4.09 14.50
CA LEU A 16 5.13 -4.48 14.72
C LEU A 16 5.97 -3.33 15.26
N THR A 17 5.73 -2.11 14.75
CA THR A 17 6.50 -0.97 15.18
C THR A 17 6.19 -0.60 16.64
N VAL A 18 4.91 -0.55 16.98
CA VAL A 18 4.53 -0.27 18.35
C VAL A 18 5.06 -1.35 19.32
N ALA A 19 4.92 -2.62 18.95
CA ALA A 19 5.42 -3.73 19.77
C ALA A 19 6.93 -3.67 19.97
N GLU A 20 7.67 -3.47 18.88
CA GLU A 20 9.12 -3.43 18.98
C GLU A 20 9.61 -2.22 19.81
N ARG A 21 8.98 -1.05 19.66
CA ARG A 21 9.38 0.12 20.45
C ARG A 21 9.10 -0.09 21.96
N ALA A 22 7.92 -0.60 22.31
CA ALA A 22 7.63 -0.88 23.73
C ALA A 22 8.63 -1.91 24.28
N ALA A 23 8.90 -2.94 23.49
CA ALA A 23 9.80 -4.01 23.89
C ALA A 23 11.23 -3.51 24.12
N SER A 24 11.77 -2.77 23.16
CA SER A 24 13.20 -2.44 23.21
C SER A 24 13.49 -1.11 23.90
N GLN A 25 12.58 -0.15 23.80
CA GLN A 25 12.80 1.18 24.40
C GLN A 25 12.29 1.28 25.83
N LEU A 26 11.16 0.62 26.12
CA LEU A 26 10.59 0.69 27.47
C LEU A 26 10.84 -0.59 28.29
N GLY A 27 11.42 -1.61 27.65
CA GLY A 27 11.65 -2.89 28.30
C GLY A 27 10.36 -3.59 28.72
N LYS A 28 9.25 -3.33 28.02
CA LYS A 28 7.96 -3.94 28.35
C LYS A 28 7.72 -5.29 27.65
N LYS A 29 6.99 -6.18 28.33
CA LYS A 29 6.54 -7.45 27.73
C LYS A 29 5.34 -7.18 26.84
N VAL A 30 5.44 -7.58 25.58
CA VAL A 30 4.38 -7.33 24.61
C VAL A 30 3.86 -8.64 24.04
N LEU A 31 2.55 -8.79 24.06
CA LEU A 31 1.88 -9.90 23.42
C LEU A 31 1.23 -9.42 22.13
N ILE A 32 1.64 -9.99 20.99
CA ILE A 32 1.04 -9.70 19.69
C ILE A 32 0.07 -10.80 19.33
N VAL A 33 -1.16 -10.42 19.05
CA VAL A 33 -2.23 -11.33 18.63
C VAL A 33 -2.49 -11.12 17.14
N GLU A 34 -2.39 -12.19 16.34
CA GLU A 34 -2.51 -12.08 14.89
C GLU A 34 -3.44 -13.16 14.36
N LYS A 35 -4.47 -12.73 13.63
CA LYS A 35 -5.48 -13.64 13.11
C LYS A 35 -4.95 -14.58 12.01
N ARG A 36 -4.06 -14.08 11.16
CA ARG A 36 -3.53 -14.89 10.06
C ARG A 36 -2.47 -15.91 10.54
N SER A 37 -2.03 -16.76 9.64
N SER A 37 -2.04 -16.77 9.63
CA SER A 37 -1.04 -17.79 9.95
CA SER A 37 -1.05 -17.80 9.93
C SER A 37 0.38 -17.29 9.81
C SER A 37 0.38 -17.27 9.91
N HIS A 38 0.55 -15.99 9.58
CA HIS A 38 1.88 -15.40 9.49
C HIS A 38 1.93 -13.96 10.03
N LEU A 39 3.14 -13.47 10.31
CA LEU A 39 3.39 -12.07 10.70
C LEU A 39 3.39 -11.13 9.48
N GLY A 40 3.25 -9.83 9.73
CA GLY A 40 3.55 -8.85 8.70
C GLY A 40 2.37 -8.20 7.98
N GLY A 41 1.15 -8.70 8.20
CA GLY A 41 0.01 -8.13 7.50
C GLY A 41 0.16 -8.24 5.99
N ASN A 42 -0.30 -7.23 5.25
CA ASN A 42 -0.27 -7.32 3.79
C ASN A 42 1.13 -7.19 3.16
N ALA A 43 2.10 -6.69 3.93
CA ALA A 43 3.48 -6.56 3.45
C ALA A 43 4.21 -7.91 3.34
N TYR A 44 3.65 -8.92 3.99
CA TYR A 44 4.24 -10.27 4.00
C TYR A 44 4.45 -10.85 2.58
N SER A 45 5.59 -11.52 2.39
CA SER A 45 5.89 -12.18 1.12
C SER A 45 6.34 -13.61 1.39
N GLU A 46 6.40 -14.44 0.35
CA GLU A 46 6.74 -15.85 0.50
C GLU A 46 7.30 -16.38 -0.82
N ALA A 47 8.00 -17.50 -0.74
CA ALA A 47 8.54 -18.15 -1.94
C ALA A 47 7.44 -18.88 -2.69
N GLU A 48 7.32 -18.64 -3.98
CA GLU A 48 6.46 -19.47 -4.82
C GLU A 48 7.10 -20.88 -4.88
N PRO A 49 6.30 -21.93 -4.65
CA PRO A 49 6.86 -23.29 -4.45
C PRO A 49 7.62 -23.87 -5.65
N GLU A 50 7.09 -23.71 -6.86
CA GLU A 50 7.72 -24.31 -8.04
C GLU A 50 9.07 -23.65 -8.40
N THR A 51 9.13 -22.32 -8.31
CA THR A 51 10.32 -21.57 -8.76
C THR A 51 11.23 -21.07 -7.65
N GLY A 52 10.71 -20.93 -6.44
CA GLY A 52 11.47 -20.33 -5.36
C GLY A 52 11.44 -18.79 -5.33
N ILE A 53 10.83 -18.19 -6.34
CA ILE A 53 10.82 -16.72 -6.49
C ILE A 53 9.95 -16.06 -5.41
N GLU A 54 10.45 -14.96 -4.86
CA GLU A 54 9.71 -14.22 -3.84
C GLU A 54 8.50 -13.52 -4.47
N ILE A 55 7.32 -13.82 -3.95
CA ILE A 55 6.06 -13.26 -4.45
C ILE A 55 5.24 -12.69 -3.32
N HIS A 56 4.22 -11.92 -3.69
CA HIS A 56 3.24 -11.38 -2.74
C HIS A 56 1.85 -11.91 -3.01
N LYS A 57 1.09 -12.17 -1.94
CA LYS A 57 -0.31 -12.55 -2.07
C LYS A 57 -1.28 -11.43 -1.72
N TYR A 58 -0.78 -10.32 -1.18
CA TYR A 58 -1.67 -9.20 -0.87
C TYR A 58 -1.21 -7.89 -1.51
N GLY A 59 -0.66 -7.97 -2.72
CA GLY A 59 -0.21 -6.80 -3.44
C GLY A 59 1.31 -6.69 -3.46
N ALA A 60 1.89 -6.21 -4.57
CA ALA A 60 3.34 -5.98 -4.59
C ALA A 60 3.68 -4.80 -3.66
N HIS A 61 4.80 -4.89 -2.95
CA HIS A 61 5.15 -3.87 -1.98
C HIS A 61 6.49 -3.22 -2.36
N LEU A 62 6.47 -1.92 -2.59
CA LEU A 62 7.69 -1.18 -2.92
C LEU A 62 7.99 -0.20 -1.79
N PHE A 63 9.19 -0.27 -1.22
CA PHE A 63 9.49 0.62 -0.08
C PHE A 63 10.18 1.89 -0.56
N HIS A 64 9.69 3.04 -0.10
CA HIS A 64 10.27 4.34 -0.46
C HIS A 64 9.88 5.39 0.61
N THR A 65 10.80 6.28 0.98
CA THR A 65 10.46 7.34 1.92
C THR A 65 11.48 8.49 1.87
N SER A 66 11.03 9.67 2.25
CA SER A 66 11.90 10.83 2.46
C SER A 66 12.04 11.13 3.95
N ASN A 67 11.45 10.27 4.78
CA ASN A 67 11.49 10.45 6.23
C ASN A 67 12.73 9.74 6.79
N LYS A 68 13.76 10.51 7.16
CA LYS A 68 15.04 9.90 7.54
C LYS A 68 14.95 9.08 8.83
N ARG A 69 14.11 9.52 9.76
CA ARG A 69 13.89 8.77 11.00
C ARG A 69 13.35 7.37 10.67
N VAL A 70 12.33 7.31 9.82
CA VAL A 70 11.77 6.03 9.40
C VAL A 70 12.81 5.16 8.69
N TRP A 71 13.58 5.75 7.77
CA TRP A 71 14.62 5.02 7.05
C TRP A 71 15.67 4.42 8.00
N ASP A 72 16.17 5.23 8.94
CA ASP A 72 17.16 4.76 9.92
C ASP A 72 16.56 3.63 10.76
N TYR A 73 15.31 3.80 11.16
CA TYR A 73 14.59 2.77 11.92
C TYR A 73 14.52 1.42 11.19
N VAL A 74 14.07 1.41 9.93
CA VAL A 74 13.82 0.13 9.27
C VAL A 74 15.13 -0.55 8.96
N ASN A 75 16.19 0.23 8.79
CA ASN A 75 17.51 -0.37 8.51
C ASN A 75 18.13 -1.05 9.73
N GLN A 76 17.48 -0.94 10.89
CA GLN A 76 17.92 -1.72 12.05
C GLN A 76 17.50 -3.17 11.90
N PHE A 77 16.51 -3.42 11.05
CA PHE A 77 15.88 -4.73 10.96
C PHE A 77 16.12 -5.45 9.63
N THR A 78 16.54 -4.71 8.61
CA THR A 78 16.89 -5.31 7.34
C THR A 78 17.75 -4.34 6.58
N ALA A 79 18.62 -4.88 5.73
CA ALA A 79 19.31 -4.07 4.72
C ALA A 79 18.38 -3.99 3.50
N PHE A 80 18.58 -2.98 2.66
CA PHE A 80 17.79 -2.80 1.44
C PHE A 80 18.67 -2.84 0.19
N THR A 81 18.14 -3.41 -0.90
CA THR A 81 18.83 -3.36 -2.17
C THR A 81 18.77 -1.95 -2.74
N GLY A 82 19.52 -1.71 -3.82
CA GLY A 82 19.45 -0.43 -4.50
C GLY A 82 18.38 -0.40 -5.60
N TYR A 83 17.39 -1.28 -5.49
CA TYR A 83 16.26 -1.31 -6.44
C TYR A 83 15.61 0.08 -6.61
N GLN A 84 15.40 0.48 -7.85
CA GLN A 84 14.63 1.67 -8.13
C GLN A 84 13.43 1.31 -8.99
N HIS A 85 12.24 1.58 -8.49
CA HIS A 85 11.03 1.23 -9.22
C HIS A 85 10.84 2.07 -10.48
N ARG A 86 10.57 1.36 -11.57
CA ARG A 86 10.22 1.92 -12.87
C ARG A 86 9.03 1.16 -13.47
N VAL A 87 8.13 1.88 -14.14
CA VAL A 87 6.90 1.32 -14.68
C VAL A 87 6.81 1.65 -16.18
N PHE A 88 6.24 0.74 -16.97
CA PHE A 88 5.92 0.97 -18.38
C PHE A 88 4.40 0.84 -18.58
N ALA A 89 3.85 1.56 -19.56
CA ALA A 89 2.41 1.59 -19.80
C ALA A 89 2.07 1.03 -21.19
N MET A 90 1.31 -0.05 -21.22
CA MET A 90 0.95 -0.70 -22.49
C MET A 90 -0.31 -0.05 -23.05
N HIS A 91 -0.20 0.56 -24.23
CA HIS A 91 -1.36 1.20 -24.87
C HIS A 91 -1.33 0.94 -26.36
N ASN A 92 -2.41 0.37 -26.88
CA ASN A 92 -2.55 0.06 -28.30
C ASN A 92 -1.34 -0.69 -28.89
N GLY A 93 -0.91 -1.73 -28.17
CA GLY A 93 0.19 -2.56 -28.63
C GLY A 93 1.60 -2.01 -28.50
N THR A 94 1.76 -0.83 -27.87
CA THR A 94 3.11 -0.30 -27.61
C THR A 94 3.36 -0.08 -26.10
N ALA A 95 4.55 -0.44 -25.65
CA ALA A 95 5.01 -0.16 -24.28
C ALA A 95 5.60 1.24 -24.21
N TYR A 96 4.90 2.15 -23.54
CA TYR A 96 5.35 3.53 -23.36
C TYR A 96 6.19 3.70 -22.09
N GLN A 97 7.23 4.50 -22.19
CA GLN A 97 7.91 5.02 -21.01
C GLN A 97 6.88 5.74 -20.17
N PHE A 98 7.08 5.69 -18.85
CA PHE A 98 6.07 6.11 -17.89
C PHE A 98 6.78 6.46 -16.59
N PRO A 99 6.26 7.44 -15.82
CA PRO A 99 5.11 8.31 -16.05
C PRO A 99 5.29 9.27 -17.23
N MET A 100 4.27 10.08 -17.49
CA MET A 100 4.30 11.02 -18.62
C MET A 100 5.47 11.97 -18.50
N GLY A 101 6.28 12.01 -19.56
CA GLY A 101 7.49 12.81 -19.60
C GLY A 101 7.96 12.89 -21.04
N LEU A 102 9.16 13.39 -21.28
CA LEU A 102 9.65 13.57 -22.64
C LEU A 102 9.68 12.26 -23.43
N GLY A 103 9.89 11.15 -22.73
CA GLY A 103 9.93 9.84 -23.36
C GLY A 103 8.58 9.43 -23.94
N LEU A 104 7.57 9.38 -23.08
CA LEU A 104 6.21 9.06 -23.52
C LEU A 104 5.74 10.05 -24.61
N ILE A 105 6.03 11.33 -24.41
CA ILE A 105 5.63 12.40 -25.34
C ILE A 105 6.21 12.20 -26.73
N ASN A 106 7.49 11.81 -26.80
CA ASN A 106 8.10 11.49 -28.08
C ASN A 106 7.41 10.29 -28.73
N GLN A 107 7.15 9.25 -27.94
CA GLN A 107 6.56 8.02 -28.46
C GLN A 107 5.12 8.22 -28.92
N PHE A 108 4.39 9.03 -28.18
CA PHE A 108 2.96 9.22 -28.42
C PHE A 108 2.68 10.24 -29.53
N PHE A 109 3.34 11.40 -29.47
CA PHE A 109 3.12 12.45 -30.46
C PHE A 109 4.05 12.33 -31.68
N GLY A 110 4.96 11.36 -31.66
CA GLY A 110 5.65 10.95 -32.87
C GLY A 110 7.02 11.53 -33.19
N ARG A 111 7.47 12.53 -32.43
CA ARG A 111 8.83 13.06 -32.60
C ARG A 111 9.31 13.68 -31.30
N TYR A 112 10.60 13.99 -31.22
CA TYR A 112 11.19 14.55 -30.00
C TYR A 112 10.79 16.01 -29.73
N TYR A 113 10.28 16.24 -28.52
CA TYR A 113 10.05 17.58 -27.99
C TYR A 113 11.07 17.89 -26.89
N THR A 114 11.73 19.05 -26.99
CA THR A 114 12.59 19.56 -25.93
C THR A 114 11.74 19.88 -24.70
N PRO A 115 12.39 20.04 -23.53
CA PRO A 115 11.63 20.43 -22.33
C PRO A 115 10.73 21.65 -22.58
N ASP A 116 11.26 22.69 -23.19
CA ASP A 116 10.46 23.91 -23.42
C ASP A 116 9.36 23.68 -24.47
N GLU A 117 9.68 22.95 -25.55
CA GLU A 117 8.65 22.55 -26.53
C GLU A 117 7.56 21.68 -25.93
N ALA A 118 7.93 20.81 -24.99
CA ALA A 118 6.94 19.95 -24.36
C ALA A 118 6.02 20.76 -23.47
N ARG A 119 6.57 21.74 -22.76
CA ARG A 119 5.74 22.63 -21.92
C ARG A 119 4.72 23.38 -22.76
N GLU A 120 5.15 23.81 -23.94
CA GLU A 120 4.28 24.52 -24.87
C GLU A 120 3.20 23.59 -25.44
N LEU A 121 3.57 22.35 -25.76
CA LEU A 121 2.62 21.34 -26.23
C LEU A 121 1.53 21.07 -25.21
N ILE A 122 1.93 20.89 -23.95
CA ILE A 122 0.97 20.62 -22.88
C ILE A 122 0.01 21.82 -22.66
N LYS A 123 0.54 23.03 -22.74
CA LYS A 123 -0.30 24.23 -22.68
C LYS A 123 -1.36 24.25 -23.81
N GLU A 124 -0.96 23.94 -25.04
CA GLU A 124 -1.88 23.84 -26.18
C GLU A 124 -2.93 22.74 -25.96
N GLN A 125 -2.48 21.54 -25.58
CA GLN A 125 -3.36 20.39 -25.44
C GLN A 125 -4.42 20.59 -24.36
N SER A 126 -4.05 21.25 -23.28
CA SER A 126 -4.89 21.38 -22.10
C SER A 126 -5.63 22.71 -22.04
N ALA A 127 -5.59 23.44 -23.14
CA ALA A 127 -6.19 24.78 -23.22
C ALA A 127 -7.71 24.72 -23.10
N GLU A 128 -8.25 23.61 -23.58
CA GLU A 128 -9.68 23.34 -23.61
C GLU A 128 -10.43 23.71 -22.33
N ILE A 129 -10.04 23.13 -21.21
CA ILE A 129 -10.73 23.37 -19.95
C ILE A 129 -9.79 24.02 -18.92
N ASP A 130 -10.29 25.00 -18.17
CA ASP A 130 -9.55 25.51 -17.02
C ASP A 130 -9.78 24.59 -15.83
N SER A 131 -8.71 24.28 -15.12
CA SER A 131 -8.79 23.42 -13.95
C SER A 131 -9.74 24.01 -12.92
N LYS A 132 -9.79 25.33 -12.84
CA LYS A 132 -10.69 25.98 -11.89
C LYS A 132 -12.17 25.74 -12.25
N ASP A 133 -12.46 25.33 -13.49
CA ASP A 133 -13.84 25.10 -13.95
C ASP A 133 -14.23 23.63 -14.02
N ALA A 134 -13.27 22.74 -13.75
CA ALA A 134 -13.51 21.30 -13.83
C ALA A 134 -14.49 20.81 -12.77
N THR A 135 -15.45 19.98 -13.17
CA THR A 135 -16.50 19.50 -12.26
C THR A 135 -16.35 18.03 -11.86
N ASN A 136 -15.39 17.33 -12.49
CA ASN A 136 -15.12 15.94 -12.17
C ASN A 136 -13.71 15.53 -12.59
N LEU A 137 -13.37 14.26 -12.39
CA LEU A 137 -12.02 13.74 -12.65
C LEU A 137 -11.64 13.86 -14.13
N GLU A 138 -12.55 13.46 -15.00
CA GLU A 138 -12.29 13.53 -16.44
C GLU A 138 -11.95 14.95 -16.89
N GLU A 139 -12.75 15.93 -16.49
CA GLU A 139 -12.51 17.32 -16.84
C GLU A 139 -11.24 17.87 -16.20
N LYS A 140 -11.00 17.49 -14.94
CA LYS A 140 -9.82 17.95 -14.23
C LYS A 140 -8.57 17.43 -14.96
N ALA A 141 -8.59 16.14 -15.31
CA ALA A 141 -7.50 15.52 -16.04
C ALA A 141 -7.24 16.24 -17.37
N ILE A 142 -8.29 16.40 -18.16
CA ILE A 142 -8.20 17.06 -19.46
C ILE A 142 -7.73 18.51 -19.32
N SER A 143 -8.19 19.19 -18.28
CA SER A 143 -7.79 20.57 -18.03
C SER A 143 -6.29 20.68 -17.78
N LEU A 144 -5.65 19.56 -17.44
CA LEU A 144 -4.23 19.57 -17.11
C LEU A 144 -3.33 19.06 -18.25
N ILE A 145 -3.76 17.99 -18.91
CA ILE A 145 -2.89 17.35 -19.92
C ILE A 145 -3.51 17.19 -21.32
N GLY A 146 -4.79 17.52 -21.47
CA GLY A 146 -5.42 17.46 -22.78
C GLY A 146 -6.16 16.15 -23.01
N ARG A 147 -7.01 16.10 -24.04
CA ARG A 147 -7.78 14.89 -24.33
C ARG A 147 -6.99 13.69 -24.85
N PRO A 148 -6.10 13.88 -25.85
CA PRO A 148 -5.40 12.69 -26.34
C PRO A 148 -4.65 11.91 -25.24
N LEU A 149 -3.86 12.59 -24.41
CA LEU A 149 -3.15 11.91 -23.33
C LEU A 149 -4.10 11.30 -22.30
N TYR A 150 -5.11 12.07 -21.90
CA TYR A 150 -6.09 11.58 -20.95
C TYR A 150 -6.76 10.29 -21.44
N GLU A 151 -7.21 10.30 -22.70
CA GLU A 151 -7.95 9.17 -23.24
C GLU A 151 -7.10 7.94 -23.47
N ALA A 152 -5.80 8.13 -23.70
CA ALA A 152 -4.89 7.02 -23.93
C ALA A 152 -4.37 6.36 -22.63
N PHE A 153 -4.04 7.18 -21.62
CA PHE A 153 -3.30 6.65 -20.45
C PHE A 153 -4.02 6.77 -19.11
N ILE A 154 -5.11 7.52 -19.06
CA ILE A 154 -5.78 7.72 -17.78
C ILE A 154 -7.20 7.15 -17.71
N ARG A 155 -8.00 7.38 -18.76
CA ARG A 155 -9.43 7.09 -18.72
C ARG A 155 -9.75 5.65 -18.35
N ASP A 156 -9.29 4.69 -19.16
CA ASP A 156 -9.66 3.28 -18.97
C ASP A 156 -8.99 2.64 -17.76
N TYR A 157 -7.75 3.05 -17.47
CA TYR A 157 -7.05 2.54 -16.31
C TYR A 157 -7.83 2.95 -15.07
N THR A 158 -8.20 4.23 -15.02
CA THR A 158 -8.95 4.77 -13.90
C THR A 158 -10.32 4.09 -13.77
N ALA A 159 -10.99 3.90 -14.91
CA ALA A 159 -12.29 3.21 -14.94
C ALA A 159 -12.18 1.79 -14.37
N LYS A 160 -11.16 1.05 -14.80
CA LYS A 160 -10.93 -0.31 -14.28
C LYS A 160 -10.64 -0.33 -12.77
N GLN A 161 -9.83 0.60 -12.30
CA GLN A 161 -9.44 0.62 -10.89
C GLN A 161 -10.60 0.96 -9.97
N TRP A 162 -11.38 1.97 -10.36
CA TRP A 162 -12.46 2.46 -9.52
C TRP A 162 -13.82 1.85 -9.86
N GLN A 163 -13.88 1.07 -10.94
CA GLN A 163 -15.15 0.52 -11.44
C GLN A 163 -16.21 1.60 -11.66
N THR A 164 -15.79 2.80 -12.07
CA THR A 164 -16.66 3.96 -12.24
C THR A 164 -16.26 4.74 -13.47
N ASP A 165 -17.22 5.40 -14.11
CA ASP A 165 -16.88 6.36 -15.15
C ASP A 165 -16.18 7.55 -14.50
N PRO A 166 -15.05 7.96 -15.08
CA PRO A 166 -14.31 9.12 -14.55
C PRO A 166 -15.14 10.40 -14.50
N LYS A 167 -16.18 10.52 -15.33
CA LYS A 167 -17.10 11.66 -15.24
C LYS A 167 -17.85 11.66 -13.90
N GLU A 168 -17.84 10.52 -13.22
CA GLU A 168 -18.53 10.37 -11.94
C GLU A 168 -17.53 10.29 -10.78
N LEU A 169 -16.36 10.89 -10.94
CA LEU A 169 -15.38 10.91 -9.87
C LEU A 169 -15.03 12.36 -9.54
N PRO A 170 -14.53 12.63 -8.32
CA PRO A 170 -14.36 14.04 -7.95
C PRO A 170 -13.15 14.69 -8.61
N ALA A 171 -13.28 15.97 -8.99
CA ALA A 171 -12.17 16.70 -9.57
C ALA A 171 -10.98 16.71 -8.60
N GLY A 172 -11.26 16.51 -7.32
CA GLY A 172 -10.24 16.49 -6.29
C GLY A 172 -9.29 15.29 -6.30
N ASN A 173 -9.55 14.30 -7.16
CA ASN A 173 -8.67 13.14 -7.23
C ASN A 173 -7.36 13.47 -7.92
N ILE A 174 -7.34 14.53 -8.71
CA ILE A 174 -6.10 14.97 -9.35
C ILE A 174 -5.73 16.35 -8.82
N THR A 175 -4.52 16.47 -8.26
CA THR A 175 -4.18 17.71 -7.57
C THR A 175 -2.93 18.38 -8.11
N ARG A 176 -2.25 17.71 -9.05
CA ARG A 176 -1.11 18.35 -9.70
C ARG A 176 -0.87 17.82 -11.11
N LEU A 177 -0.04 18.55 -11.86
CA LEU A 177 0.34 18.19 -13.22
C LEU A 177 1.07 16.84 -13.26
N PRO A 178 0.45 15.83 -13.88
CA PRO A 178 1.17 14.56 -13.89
C PRO A 178 2.15 14.46 -15.07
N VAL A 179 2.82 15.54 -15.46
CA VAL A 179 3.79 15.47 -16.57
C VAL A 179 5.18 15.99 -16.21
N ARG A 180 6.21 15.22 -16.50
CA ARG A 180 7.58 15.66 -16.28
C ARG A 180 8.20 16.22 -17.55
N TYR A 181 8.93 17.32 -17.45
CA TYR A 181 9.53 17.90 -18.64
C TYR A 181 10.99 17.52 -18.79
N ASN A 182 11.29 16.27 -18.43
CA ASN A 182 12.62 15.72 -18.70
C ASN A 182 12.50 14.22 -19.00
N PHE A 183 13.64 13.51 -19.07
CA PHE A 183 13.60 12.06 -19.36
C PHE A 183 13.65 11.20 -18.08
N ASP A 184 13.46 11.80 -16.92
CA ASP A 184 13.52 11.04 -15.65
C ASP A 184 12.30 10.11 -15.52
N ASN A 185 12.51 8.79 -15.57
CA ASN A 185 11.39 7.89 -15.35
C ASN A 185 11.51 7.07 -14.06
N ARG A 186 12.21 7.59 -13.06
CA ARG A 186 12.07 7.04 -11.70
C ARG A 186 10.63 7.13 -11.32
N TYR A 187 9.99 6.03 -10.95
CA TYR A 187 8.57 6.09 -10.59
C TYR A 187 8.30 6.91 -9.30
N PHE A 188 9.07 6.69 -8.25
CA PHE A 188 8.90 7.42 -6.97
C PHE A 188 9.89 8.58 -6.86
N ASN A 189 9.51 9.58 -6.07
CA ASN A 189 10.29 10.80 -5.90
C ASN A 189 11.00 10.90 -4.55
N ASP A 190 11.07 9.80 -3.80
CA ASP A 190 11.52 9.91 -2.43
C ASP A 190 13.04 9.74 -2.29
N THR A 191 13.59 10.32 -1.22
CA THR A 191 15.03 10.28 -0.97
C THR A 191 15.58 8.84 -0.86
N TYR A 192 14.87 7.99 -0.13
CA TYR A 192 15.33 6.62 0.13
C TYR A 192 14.42 5.61 -0.52
N GLU A 193 15.00 4.55 -1.08
CA GLU A 193 14.19 3.54 -1.74
C GLU A 193 14.95 2.23 -1.84
N GLY A 194 14.23 1.12 -1.70
CA GLY A 194 14.81 -0.18 -2.02
C GLY A 194 13.87 -1.32 -1.63
N LEU A 195 14.38 -2.54 -1.74
CA LEU A 195 13.63 -3.73 -1.32
C LEU A 195 14.45 -4.50 -0.28
N PRO A 196 13.78 -5.15 0.68
CA PRO A 196 14.50 -5.87 1.74
C PRO A 196 15.38 -6.94 1.11
N VAL A 197 16.66 -6.97 1.47
CA VAL A 197 17.62 -7.87 0.83
C VAL A 197 17.21 -9.34 0.93
N ASP A 198 16.73 -9.76 2.09
CA ASP A 198 16.32 -11.16 2.26
C ASP A 198 14.80 -11.33 2.26
N GLY A 199 14.11 -10.33 1.69
CA GLY A 199 12.67 -10.42 1.53
C GLY A 199 11.91 -9.82 2.70
N TYR A 200 10.63 -9.56 2.47
CA TYR A 200 9.76 -8.96 3.47
C TYR A 200 9.52 -9.88 4.67
N ALA A 201 9.31 -11.18 4.44
CA ALA A 201 9.02 -12.09 5.56
C ALA A 201 10.15 -12.04 6.58
N GLN A 202 11.39 -12.06 6.10
CA GLN A 202 12.54 -11.99 7.01
C GLN A 202 12.63 -10.65 7.76
N TRP A 203 12.43 -9.54 7.04
CA TRP A 203 12.39 -8.22 7.68
C TRP A 203 11.35 -8.18 8.82
N LEU A 204 10.12 -8.54 8.50
CA LEU A 204 9.04 -8.36 9.46
C LEU A 204 9.18 -9.34 10.64
N SER A 205 9.68 -10.54 10.36
CA SER A 205 10.00 -11.48 11.44
C SER A 205 11.08 -10.92 12.38
N ASN A 206 12.09 -10.24 11.81
CA ASN A 206 13.15 -9.63 12.62
C ASN A 206 12.60 -8.57 13.58
N MET A 207 11.60 -7.82 13.14
CA MET A 207 11.03 -6.77 13.99
C MET A 207 10.37 -7.37 15.23
N ALA A 208 9.76 -8.54 15.05
CA ALA A 208 9.09 -9.24 16.15
C ALA A 208 10.04 -10.14 16.97
N ASP A 209 11.29 -10.24 16.54
CA ASP A 209 12.26 -11.12 17.19
C ASP A 209 12.95 -10.37 18.32
N HIS A 210 12.36 -10.44 19.51
CA HIS A 210 12.90 -9.73 20.68
C HIS A 210 12.52 -10.56 21.91
N GLU A 211 13.44 -10.65 22.87
CA GLU A 211 13.19 -11.39 24.09
C GLU A 211 11.88 -10.96 24.79
N ASN A 212 11.46 -9.70 24.60
CA ASN A 212 10.25 -9.19 25.27
C ASN A 212 8.96 -9.35 24.46
N ILE A 213 9.06 -9.94 23.28
CA ILE A 213 7.88 -10.07 22.44
C ILE A 213 7.41 -11.52 22.31
N GLU A 214 6.13 -11.73 22.60
CA GLU A 214 5.46 -13.01 22.36
C GLU A 214 4.48 -12.83 21.19
N VAL A 215 4.47 -13.80 20.28
CA VAL A 215 3.58 -13.74 19.12
C VAL A 215 2.64 -14.95 19.10
N ARG A 216 1.33 -14.68 19.03
CA ARG A 216 0.33 -15.74 18.86
C ARG A 216 -0.39 -15.60 17.53
N LEU A 217 -0.05 -16.46 16.59
CA LEU A 217 -0.66 -16.48 15.26
C LEU A 217 -1.95 -17.29 15.31
N ASP A 218 -2.71 -17.26 14.22
CA ASP A 218 -3.99 -17.95 14.11
C ASP A 218 -4.91 -17.63 15.31
N THR A 219 -4.88 -16.39 15.76
CA THR A 219 -5.64 -16.00 16.94
C THR A 219 -6.44 -14.71 16.67
N ASP A 220 -7.77 -14.82 16.70
CA ASP A 220 -8.66 -13.66 16.54
C ASP A 220 -8.85 -12.96 17.89
N TRP A 221 -8.46 -11.69 17.98
CA TRP A 221 -8.64 -10.89 19.21
C TRP A 221 -10.02 -11.04 19.87
N PHE A 222 -11.06 -11.02 19.05
CA PHE A 222 -12.43 -11.02 19.58
C PHE A 222 -12.80 -12.34 20.21
N GLU A 223 -12.09 -13.40 19.85
CA GLU A 223 -12.31 -14.70 20.47
C GLU A 223 -11.52 -14.90 21.78
N VAL A 224 -10.42 -14.17 21.97
CA VAL A 224 -9.60 -14.39 23.17
C VAL A 224 -9.55 -13.18 24.13
N ARG A 225 -10.16 -12.06 23.77
CA ARG A 225 -9.88 -10.81 24.50
C ARG A 225 -10.30 -10.82 25.97
N GLU A 226 -11.43 -11.45 26.27
CA GLU A 226 -11.92 -11.47 27.64
C GLU A 226 -10.95 -12.22 28.54
N ASP A 227 -10.48 -13.37 28.07
CA ASP A 227 -9.46 -14.13 28.78
C ASP A 227 -8.14 -13.37 28.97
N LEU A 228 -7.62 -12.77 27.89
CA LEU A 228 -6.32 -12.11 27.95
C LEU A 228 -6.31 -10.93 28.90
N ARG A 229 -7.33 -10.08 28.79
CA ARG A 229 -7.39 -8.90 29.64
C ARG A 229 -7.63 -9.29 31.11
N ALA A 230 -8.35 -10.37 31.37
CA ALA A 230 -8.51 -10.85 32.76
C ALA A 230 -7.17 -11.24 33.42
N GLN A 231 -6.18 -11.63 32.62
CA GLN A 231 -4.86 -11.94 33.17
C GLN A 231 -4.12 -10.71 33.69
N ASN A 232 -4.33 -9.57 33.02
CA ASN A 232 -3.70 -8.32 33.43
C ASN A 232 -4.56 -7.14 32.96
N PRO A 233 -5.59 -6.78 33.75
CA PRO A 233 -6.59 -5.77 33.36
C PRO A 233 -6.01 -4.39 33.08
N GLU A 234 -4.86 -4.07 33.66
CA GLU A 234 -4.24 -2.76 33.48
C GLU A 234 -3.44 -2.63 32.18
N ALA A 235 -3.22 -3.73 31.48
CA ALA A 235 -2.45 -3.69 30.23
C ALA A 235 -3.25 -2.98 29.14
N PRO A 236 -2.68 -1.90 28.57
CA PRO A 236 -3.36 -1.29 27.42
C PRO A 236 -3.35 -2.21 26.20
N VAL A 237 -4.24 -1.91 25.27
CA VAL A 237 -4.35 -2.62 24.01
C VAL A 237 -4.13 -1.66 22.85
N VAL A 238 -3.27 -2.02 21.90
CA VAL A 238 -3.23 -1.29 20.63
C VAL A 238 -3.92 -2.13 19.58
N TYR A 239 -5.05 -1.64 19.07
CA TYR A 239 -5.86 -2.41 18.15
C TYR A 239 -5.69 -1.93 16.72
N THR A 240 -5.27 -2.81 15.80
CA THR A 240 -5.14 -2.41 14.39
C THR A 240 -6.07 -3.22 13.48
N GLY A 241 -7.09 -3.87 14.05
CA GLY A 241 -8.09 -4.55 13.24
C GLY A 241 -9.13 -3.57 12.72
N PRO A 242 -10.18 -4.07 12.04
CA PRO A 242 -11.19 -3.18 11.45
C PRO A 242 -11.95 -2.37 12.51
N LEU A 243 -12.02 -1.06 12.30
CA LEU A 243 -12.69 -0.13 13.20
C LEU A 243 -14.19 -0.37 13.35
N ASP A 244 -14.88 -0.63 12.26
CA ASP A 244 -16.33 -0.80 12.33
C ASP A 244 -16.68 -2.14 12.98
N ARG A 245 -15.91 -3.17 12.66
CA ARG A 245 -16.11 -4.49 13.27
C ARG A 245 -15.92 -4.47 14.78
N TYR A 246 -14.97 -3.67 15.27
CA TYR A 246 -14.73 -3.57 16.71
C TYR A 246 -16.00 -3.17 17.46
N PHE A 247 -16.78 -2.28 16.85
CA PHE A 247 -18.01 -1.77 17.46
C PHE A 247 -19.25 -2.41 16.86
N ASP A 248 -19.09 -3.66 16.42
CA ASP A 248 -20.20 -4.51 15.98
C ASP A 248 -21.04 -3.88 14.88
N TYR A 249 -20.39 -3.09 14.04
CA TYR A 249 -21.04 -2.44 12.91
C TYR A 249 -22.26 -1.62 13.34
N SER A 250 -22.22 -1.09 14.56
CA SER A 250 -23.35 -0.36 15.13
C SER A 250 -23.68 0.91 14.36
N GLU A 251 -22.73 1.40 13.56
CA GLU A 251 -22.97 2.61 12.78
C GLU A 251 -22.93 2.33 11.28
N GLY A 252 -22.94 1.05 10.92
CA GLY A 252 -22.87 0.64 9.52
C GLY A 252 -21.54 0.02 9.10
N HIS A 253 -21.50 -0.49 7.87
CA HIS A 253 -20.30 -1.07 7.29
C HIS A 253 -19.52 -0.08 6.45
N LEU A 254 -18.29 0.22 6.85
CA LEU A 254 -17.41 1.07 6.05
C LEU A 254 -17.12 0.37 4.73
N GLY A 255 -17.08 1.13 3.64
CA GLY A 255 -16.88 0.57 2.30
C GLY A 255 -15.43 0.55 1.85
N TRP A 256 -15.01 -0.57 1.28
CA TRP A 256 -13.63 -0.78 0.83
C TRP A 256 -13.59 -1.31 -0.59
N ARG A 257 -12.49 -1.01 -1.29
CA ARG A 257 -12.15 -1.70 -2.53
C ARG A 257 -11.25 -2.90 -2.21
N THR A 258 -11.36 -3.94 -3.02
CA THR A 258 -10.51 -5.11 -2.89
C THR A 258 -9.79 -5.38 -4.21
N LEU A 259 -8.92 -6.38 -4.22
CA LEU A 259 -8.18 -6.76 -5.40
C LEU A 259 -8.19 -8.29 -5.53
N ASP A 260 -8.25 -8.78 -6.76
CA ASP A 260 -8.05 -10.20 -7.05
C ASP A 260 -6.71 -10.32 -7.77
N PHE A 261 -5.93 -11.31 -7.38
CA PHE A 261 -4.65 -11.57 -8.02
C PHE A 261 -4.70 -12.95 -8.65
N GLU A 262 -4.37 -13.00 -9.93
CA GLU A 262 -4.29 -14.25 -10.65
C GLU A 262 -2.81 -14.54 -10.94
N THR A 263 -2.26 -15.52 -10.25
CA THR A 263 -0.82 -15.75 -10.28
C THR A 263 -0.51 -17.00 -11.09
N GLU A 264 0.39 -16.87 -12.08
CA GLU A 264 0.72 -17.99 -12.99
C GLU A 264 2.22 -18.26 -13.11
N VAL A 265 2.60 -19.54 -13.17
CA VAL A 265 3.97 -19.88 -13.52
C VAL A 265 4.05 -20.21 -15.00
N LEU A 266 4.92 -19.50 -15.71
CA LEU A 266 5.04 -19.65 -17.16
C LEU A 266 6.33 -20.34 -17.51
N ASN A 267 6.31 -21.10 -18.60
CA ASN A 267 7.49 -21.83 -19.01
C ASN A 267 8.38 -21.00 -19.94
N THR A 268 8.68 -19.79 -19.48
CA THR A 268 9.71 -18.94 -20.07
C THR A 268 10.49 -18.29 -18.92
N GLY A 269 11.75 -17.95 -19.19
CA GLY A 269 12.56 -17.28 -18.19
C GLY A 269 12.21 -15.81 -18.00
N ASP A 270 11.53 -15.23 -18.99
CA ASP A 270 11.25 -13.78 -18.94
C ASP A 270 10.01 -13.42 -19.77
N PHE A 271 8.95 -13.01 -19.09
CA PHE A 271 7.66 -12.71 -19.73
C PHE A 271 7.57 -11.31 -20.32
N GLN A 272 8.03 -10.29 -19.56
CA GLN A 272 7.88 -8.90 -20.04
C GLN A 272 9.13 -8.02 -19.87
N GLY A 273 10.21 -8.58 -19.31
CA GLY A 273 11.47 -7.86 -19.28
C GLY A 273 11.52 -6.66 -18.34
N THR A 274 10.55 -6.61 -17.41
CA THR A 274 10.45 -5.49 -16.48
C THR A 274 9.48 -5.88 -15.35
N PRO A 275 9.62 -5.30 -14.15
CA PRO A 275 8.79 -5.75 -13.02
C PRO A 275 7.29 -5.51 -13.18
N VAL A 276 6.91 -4.35 -13.73
CA VAL A 276 5.49 -3.97 -13.77
C VAL A 276 5.10 -3.35 -15.11
N MET A 277 4.06 -3.90 -15.72
CA MET A 277 3.53 -3.35 -16.98
C MET A 277 2.06 -2.98 -16.76
N ASN A 278 1.76 -1.69 -16.81
CA ASN A 278 0.37 -1.24 -16.71
C ASN A 278 -0.35 -1.60 -18.02
N TYR A 279 -1.61 -2.03 -17.94
CA TYR A 279 -2.41 -2.23 -19.15
C TYR A 279 -3.49 -1.17 -19.18
N ASN A 280 -3.23 -0.12 -19.95
CA ASN A 280 -4.08 1.05 -19.94
C ASN A 280 -5.36 0.97 -20.79
N ASP A 281 -5.51 -0.08 -21.60
CA ASP A 281 -6.66 -0.20 -22.50
C ASP A 281 -7.80 -1.00 -21.89
N ALA A 282 -9.03 -0.62 -22.22
CA ALA A 282 -10.22 -1.27 -21.63
C ALA A 282 -10.35 -2.75 -22.01
N GLU A 283 -9.78 -3.16 -23.15
CA GLU A 283 -9.91 -4.56 -23.59
C GLU A 283 -9.19 -5.56 -22.67
N PHE A 284 -8.28 -5.07 -21.82
CA PHE A 284 -7.66 -5.95 -20.84
C PHE A 284 -8.36 -5.72 -19.51
N PRO A 285 -8.88 -6.79 -18.88
CA PRO A 285 -9.66 -6.63 -17.65
C PRO A 285 -8.80 -6.29 -16.43
N TYR A 286 -7.54 -6.71 -16.46
CA TYR A 286 -6.61 -6.41 -15.36
C TYR A 286 -5.94 -5.04 -15.56
N THR A 287 -5.54 -4.40 -14.48
CA THR A 287 -4.91 -3.08 -14.56
C THR A 287 -3.42 -3.16 -14.87
N ARG A 288 -2.76 -4.23 -14.43
CA ARG A 288 -1.32 -4.37 -14.63
C ARG A 288 -0.86 -5.78 -14.38
N ILE A 289 0.30 -6.10 -14.93
CA ILE A 289 0.93 -7.38 -14.66
C ILE A 289 2.27 -7.19 -13.96
N HIS A 290 2.47 -7.95 -12.88
CA HIS A 290 3.74 -8.01 -12.16
C HIS A 290 4.53 -9.25 -12.56
N GLU A 291 5.83 -9.09 -12.76
CA GLU A 291 6.71 -10.25 -12.98
C GLU A 291 7.78 -10.23 -11.90
N PHE A 292 7.61 -11.09 -10.92
CA PHE A 292 8.26 -10.93 -9.62
C PHE A 292 9.77 -11.09 -9.60
N ARG A 293 10.32 -11.88 -10.53
CA ARG A 293 11.76 -12.09 -10.56
C ARG A 293 12.51 -10.77 -10.78
N HIS A 294 11.92 -9.83 -11.52
CA HIS A 294 12.61 -8.58 -11.86
C HIS A 294 12.68 -7.58 -10.71
N PHE A 295 11.96 -7.84 -9.60
CA PHE A 295 12.12 -7.02 -8.40
C PHE A 295 13.45 -7.31 -7.71
N HIS A 296 13.98 -8.51 -7.93
CA HIS A 296 15.26 -8.90 -7.33
C HIS A 296 16.28 -9.43 -8.35
N PRO A 297 16.77 -8.55 -9.25
CA PRO A 297 17.71 -9.03 -10.26
C PRO A 297 19.01 -9.52 -9.62
N GLU A 298 19.29 -9.12 -8.37
CA GLU A 298 20.52 -9.58 -7.72
C GLU A 298 20.44 -11.07 -7.35
N ARG A 299 19.26 -11.67 -7.47
CA ARG A 299 19.07 -13.10 -7.17
C ARG A 299 19.02 -13.98 -8.41
N GLU A 300 19.44 -13.46 -9.57
CA GLU A 300 19.25 -14.17 -10.84
C GLU A 300 19.86 -15.56 -10.89
N ASP A 301 20.92 -15.81 -10.14
CA ASP A 301 21.52 -17.13 -10.27
C ASP A 301 20.90 -18.14 -9.31
N ARG A 302 19.86 -17.73 -8.57
CA ARG A 302 19.05 -18.67 -7.79
C ARG A 302 17.64 -18.79 -8.38
N HIS A 303 17.31 -17.90 -9.31
CA HIS A 303 16.04 -17.98 -10.04
C HIS A 303 16.18 -18.97 -11.19
N PRO A 304 15.06 -19.62 -11.58
CA PRO A 304 15.13 -20.57 -12.70
C PRO A 304 15.40 -19.87 -14.02
N LYS A 305 16.08 -20.56 -14.93
CA LYS A 305 16.42 -19.97 -16.22
C LYS A 305 15.26 -20.07 -17.20
N ASP A 306 14.30 -20.95 -16.93
CA ASP A 306 13.28 -21.28 -17.91
C ASP A 306 11.84 -21.12 -17.40
N LYS A 307 11.70 -20.60 -16.17
CA LYS A 307 10.39 -20.33 -15.63
C LYS A 307 10.31 -18.95 -14.99
N THR A 308 9.11 -18.40 -14.92
CA THR A 308 8.89 -17.12 -14.28
C THR A 308 7.48 -17.07 -13.71
N VAL A 309 7.31 -16.32 -12.61
CA VAL A 309 6.00 -16.11 -12.01
C VAL A 309 5.46 -14.73 -12.36
N ILE A 310 4.27 -14.68 -12.96
CA ILE A 310 3.59 -13.41 -13.16
C ILE A 310 2.28 -13.33 -12.40
N MET A 311 1.73 -12.12 -12.27
CA MET A 311 0.49 -11.91 -11.54
C MET A 311 -0.29 -10.78 -12.17
N LYS A 312 -1.54 -11.06 -12.51
CA LYS A 312 -2.47 -10.07 -13.05
C LYS A 312 -3.32 -9.53 -11.91
N GLU A 313 -3.56 -8.23 -11.92
CA GLU A 313 -4.24 -7.57 -10.81
C GLU A 313 -5.58 -7.01 -11.28
N TYR A 314 -6.64 -7.33 -10.55
CA TYR A 314 -7.99 -6.91 -10.87
C TYR A 314 -8.57 -6.15 -9.70
N SER A 315 -9.30 -5.08 -9.97
CA SER A 315 -9.85 -4.24 -8.92
C SER A 315 -11.37 -4.31 -8.90
N ARG A 316 -11.97 -4.26 -7.72
CA ARG A 316 -13.43 -4.22 -7.58
C ARG A 316 -13.87 -3.88 -6.17
N PHE A 317 -15.18 -3.65 -5.98
CA PHE A 317 -15.73 -3.41 -4.65
C PHE A 317 -15.57 -4.64 -3.76
N ALA A 318 -15.20 -4.41 -2.50
CA ALA A 318 -15.01 -5.50 -1.53
C ALA A 318 -16.34 -5.99 -0.95
N GLU A 319 -16.67 -7.25 -1.22
CA GLU A 319 -17.86 -7.86 -0.64
C GLU A 319 -17.49 -8.75 0.52
N GLU A 320 -18.50 -9.26 1.23
CA GLU A 320 -18.28 -10.14 2.37
C GLU A 320 -17.35 -11.27 1.99
N GLY A 321 -16.27 -11.43 2.75
CA GLY A 321 -15.27 -12.44 2.46
C GLY A 321 -14.08 -11.95 1.66
N ASP A 322 -14.18 -10.75 1.10
CA ASP A 322 -13.06 -10.17 0.35
C ASP A 322 -12.10 -9.46 1.31
N GLU A 323 -10.80 -9.49 1.00
CA GLU A 323 -9.84 -8.68 1.74
C GLU A 323 -10.10 -7.21 1.51
N PRO A 324 -10.33 -6.44 2.58
CA PRO A 324 -10.47 -4.99 2.38
C PRO A 324 -9.11 -4.32 2.22
N TYR A 325 -8.87 -3.64 1.11
CA TYR A 325 -7.56 -3.03 0.83
C TYR A 325 -7.56 -1.49 0.87
N TYR A 326 -8.44 -0.85 0.08
CA TYR A 326 -8.50 0.62 0.03
C TYR A 326 -9.86 1.20 0.45
N PRO A 327 -9.86 2.16 1.38
CA PRO A 327 -11.09 2.84 1.79
C PRO A 327 -11.73 3.55 0.57
N ILE A 328 -13.04 3.47 0.43
CA ILE A 328 -13.69 4.09 -0.72
C ILE A 328 -13.90 5.57 -0.46
N ASN A 329 -14.29 5.88 0.78
CA ASN A 329 -14.44 7.27 1.26
C ASN A 329 -15.56 8.06 0.56
N THR A 330 -16.72 7.44 0.39
CA THR A 330 -17.90 8.19 -0.03
C THR A 330 -18.28 9.10 1.12
N PRO A 331 -19.06 10.16 0.83
CA PRO A 331 -19.52 11.00 1.95
C PRO A 331 -20.25 10.18 3.01
N SER A 332 -20.94 9.12 2.61
CA SER A 332 -21.59 8.22 3.56
C SER A 332 -20.55 7.54 4.46
N ASP A 333 -19.43 7.15 3.85
CA ASP A 333 -18.35 6.50 4.58
C ASP A 333 -17.73 7.50 5.56
N ARG A 334 -17.52 8.73 5.09
CA ARG A 334 -16.87 9.77 5.89
C ARG A 334 -17.65 10.09 7.16
N GLU A 335 -18.97 9.95 7.08
CA GLU A 335 -19.79 10.33 8.22
C GLU A 335 -19.95 9.19 9.22
N MET A 336 -19.96 7.94 8.76
CA MET A 336 -20.00 6.87 9.76
C MET A 336 -18.60 6.71 10.36
N LEU A 337 -17.57 7.07 9.60
CA LEU A 337 -16.20 7.15 10.16
C LEU A 337 -16.12 8.15 11.31
N PHE A 338 -16.66 9.35 11.10
CA PHE A 338 -16.70 10.37 12.15
C PHE A 338 -17.43 9.85 13.40
N LYS A 339 -18.49 9.06 13.21
CA LYS A 339 -19.21 8.46 14.32
C LYS A 339 -18.35 7.41 15.06
N TYR A 340 -17.62 6.61 14.30
CA TYR A 340 -16.77 5.59 14.87
C TYR A 340 -15.58 6.21 15.62
N ARG A 341 -15.10 7.36 15.17
CA ARG A 341 -13.98 8.02 15.84
C ARG A 341 -14.37 8.46 17.25
N GLU A 342 -15.64 8.80 17.43
CA GLU A 342 -16.12 9.21 18.73
C GLU A 342 -16.28 8.00 19.64
N LEU A 343 -16.72 6.89 19.06
CA LEU A 343 -16.77 5.64 19.82
C LEU A 343 -15.36 5.17 20.23
N ALA A 344 -14.42 5.23 19.29
CA ALA A 344 -13.04 4.81 19.58
C ALA A 344 -12.43 5.66 20.68
N ASP A 345 -12.57 6.98 20.55
CA ASP A 345 -12.04 7.94 21.53
C ASP A 345 -12.58 7.68 22.95
N ALA A 346 -13.85 7.28 23.04
CA ALA A 346 -14.46 6.90 24.32
C ALA A 346 -13.87 5.59 24.85
N GLU A 347 -13.63 4.65 23.94
CA GLU A 347 -13.08 3.35 24.31
C GLU A 347 -11.63 3.50 24.82
N THR A 348 -10.88 4.43 24.26
CA THR A 348 -9.52 4.68 24.73
C THR A 348 -9.56 5.18 26.16
N GLU A 349 -10.51 6.07 26.44
CA GLU A 349 -10.66 6.66 27.77
C GLU A 349 -11.12 5.65 28.81
N SER A 350 -12.09 4.82 28.47
CA SER A 350 -12.65 3.87 29.43
C SER A 350 -11.89 2.53 29.48
N GLY A 351 -11.36 2.07 28.35
CA GLY A 351 -10.81 0.72 28.27
C GLY A 351 -9.32 0.61 27.97
N LYS A 352 -8.65 1.77 27.78
CA LYS A 352 -7.24 1.84 27.43
C LYS A 352 -6.95 1.05 26.14
N VAL A 353 -7.89 1.16 25.20
CA VAL A 353 -7.73 0.56 23.88
C VAL A 353 -7.44 1.67 22.88
N TYR A 354 -6.26 1.63 22.27
CA TYR A 354 -5.84 2.59 21.27
C TYR A 354 -6.12 2.07 19.85
N PHE A 355 -6.40 2.96 18.91
CA PHE A 355 -6.77 2.54 17.55
C PHE A 355 -5.76 3.07 16.56
N GLY A 356 -5.21 2.19 15.73
CA GLY A 356 -4.20 2.60 14.76
C GLY A 356 -4.14 1.71 13.54
N GLY A 357 -3.31 2.11 12.58
CA GLY A 357 -3.14 1.32 11.38
C GLY A 357 -4.23 1.56 10.36
N ARG A 358 -4.10 0.91 9.21
CA ARG A 358 -4.97 1.07 8.05
C ARG A 358 -6.41 0.71 8.41
N LEU A 359 -6.60 -0.47 8.97
CA LEU A 359 -7.93 -0.96 9.32
C LEU A 359 -8.51 -0.24 10.54
N GLY A 360 -7.65 0.07 11.51
CA GLY A 360 -8.09 0.65 12.76
C GLY A 360 -8.52 2.11 12.64
N THR A 361 -8.08 2.78 11.57
CA THR A 361 -8.39 4.20 11.39
C THR A 361 -9.09 4.48 10.05
N TYR A 362 -9.43 3.43 9.29
CA TYR A 362 -10.02 3.58 7.94
C TYR A 362 -9.21 4.52 7.07
N GLN A 363 -7.93 4.22 6.88
CA GLN A 363 -7.07 5.10 6.10
C GLN A 363 -5.96 4.31 5.43
N TYR A 364 -5.81 4.48 4.12
CA TYR A 364 -4.73 3.81 3.43
C TYR A 364 -3.41 4.38 3.92
N LEU A 365 -2.48 3.50 4.30
CA LEU A 365 -1.14 3.92 4.73
C LEU A 365 -0.09 3.12 4.00
N ASP A 366 0.84 3.80 3.31
CA ASP A 366 2.06 3.15 2.84
C ASP A 366 2.86 2.68 4.06
N MET A 367 3.82 1.79 3.84
CA MET A 367 4.61 1.21 4.93
C MET A 367 5.31 2.27 5.76
N HIS A 368 5.98 3.22 5.13
CA HIS A 368 6.69 4.24 5.89
C HIS A 368 5.72 5.15 6.65
N MET A 369 4.52 5.34 6.12
CA MET A 369 3.54 6.20 6.79
C MET A 369 2.92 5.45 7.99
N ALA A 370 2.72 4.14 7.85
CA ALA A 370 2.26 3.32 8.95
C ALA A 370 3.29 3.35 10.09
N ILE A 371 4.56 3.19 9.73
CA ILE A 371 5.66 3.25 10.69
C ILE A 371 5.74 4.62 11.36
N ALA A 372 5.67 5.71 10.59
CA ALA A 372 5.69 7.05 11.18
C ALA A 372 4.53 7.25 12.16
N SER A 373 3.36 6.75 11.79
CA SER A 373 2.16 6.86 12.60
C SER A 373 2.28 6.04 13.92
N ALA A 374 2.89 4.86 13.83
CA ALA A 374 3.13 4.05 15.03
C ALA A 374 4.17 4.70 15.95
N LEU A 375 5.23 5.26 15.36
CA LEU A 375 6.25 5.96 16.12
C LEU A 375 5.63 7.13 16.87
N SER A 376 4.68 7.81 16.22
CA SER A 376 4.01 8.95 16.85
C SER A 376 3.11 8.49 18.01
N MET A 377 2.31 7.45 17.78
CA MET A 377 1.49 6.91 18.86
C MET A 377 2.35 6.43 20.02
N PHE A 378 3.47 5.78 19.73
CA PHE A 378 4.37 5.35 20.78
C PHE A 378 4.85 6.55 21.60
N ASP A 379 5.41 7.54 20.90
CA ASP A 379 6.01 8.72 21.53
C ASP A 379 4.99 9.50 22.35
N ASN A 380 3.80 9.72 21.78
CA ASN A 380 2.87 10.68 22.34
C ASN A 380 1.77 10.08 23.19
N LYS A 381 1.53 8.77 23.06
CA LYS A 381 0.49 8.13 23.85
C LYS A 381 1.00 6.99 24.72
N LEU A 382 1.75 6.06 24.14
CA LEU A 382 2.03 4.79 24.82
C LEU A 382 3.06 4.91 25.93
N VAL A 383 4.06 5.77 25.76
CA VAL A 383 5.08 5.96 26.80
C VAL A 383 4.42 6.35 28.12
N ASP A 384 3.44 7.27 28.05
CA ASP A 384 2.71 7.70 29.24
C ASP A 384 1.78 6.61 29.75
N ALA A 385 1.08 5.92 28.84
CA ALA A 385 0.11 4.91 29.22
C ALA A 385 0.77 3.68 29.85
N LEU A 386 2.06 3.47 29.59
CA LEU A 386 2.76 2.29 30.09
C LEU A 386 3.65 2.56 31.32
N LYS A 387 3.63 3.77 31.88
CA LYS A 387 4.49 4.08 33.03
C LYS A 387 3.96 3.55 34.36
#